data_1SPP
#
_entry.id   1SPP
#
_cell.length_a   96.370
_cell.length_b   96.370
_cell.length_c   71.320
_cell.angle_alpha   90.00
_cell.angle_beta   90.00
_cell.angle_gamma   120.00
#
_symmetry.space_group_name_H-M   'P 32 2 1'
#
loop_
_entity.id
_entity.type
_entity.pdbx_description
1 polymer 'MAJOR SEMINAL PLASMA GLYCOPROTEIN PSP-I'
2 polymer 'MAJOR SEMINAL PLASMA GLYCOPROTEIN PSP-II'
3 water water
#
loop_
_entity_poly.entity_id
_entity_poly.type
_entity_poly.pdbx_seq_one_letter_code
_entity_poly.pdbx_strand_id
1 'polypeptide(L)'
;LDYHACGGRLTDDYGTIFTYKGPKTECVWTLQVDPKYKLLVSIPTLNLTCGKEYVEVLEGAPGSKSLGKFCEGLSILNRG
SSGMTVKYKRDSGHPASPYEIIFLRDSQG
;
A
2 'polypeptide(L)'
;ARINGPDECGRVIKDTSGSISNTDRQKNLCTWTILMKPDQKVRMAIPYLNLACGKEYVEVFDGLLSGPSYGKLCAGAAIV
FLSTANTMTIKYNRISGNSSSPFLIYFYGSSPGSEY
;
B
#
# COMPACT_ATOMS: atom_id res chain seq x y z
N LEU A 1 -1.35 -4.51 -6.92
CA LEU A 1 -2.32 -4.19 -8.01
C LEU A 1 -3.69 -3.82 -7.42
N ASP A 2 -4.57 -3.32 -8.28
CA ASP A 2 -5.92 -2.93 -7.92
C ASP A 2 -6.88 -4.09 -8.16
N TYR A 3 -7.87 -4.25 -7.27
CA TYR A 3 -8.83 -5.33 -7.41
C TYR A 3 -10.22 -4.76 -7.28
N HIS A 4 -11.12 -5.22 -8.14
CA HIS A 4 -12.49 -4.75 -8.16
C HIS A 4 -13.49 -5.89 -8.22
N ALA A 5 -13.01 -7.12 -8.19
CA ALA A 5 -13.89 -8.29 -8.23
C ALA A 5 -14.50 -8.58 -6.87
N CYS A 6 -15.50 -9.44 -6.85
CA CYS A 6 -16.15 -9.79 -5.61
C CYS A 6 -15.43 -10.96 -4.94
N GLY A 7 -14.38 -10.66 -4.19
CA GLY A 7 -13.66 -11.69 -3.49
C GLY A 7 -12.59 -12.41 -4.29
N GLY A 8 -12.03 -13.46 -3.70
CA GLY A 8 -11.00 -14.22 -4.37
C GLY A 8 -9.79 -14.42 -3.50
N ARG A 9 -8.87 -15.27 -3.94
CA ARG A 9 -7.65 -15.52 -3.21
C ARG A 9 -6.62 -14.65 -3.89
N LEU A 10 -6.19 -13.60 -3.21
CA LEU A 10 -5.23 -12.67 -3.75
C LEU A 10 -3.84 -12.91 -3.19
N THR A 11 -2.83 -12.73 -4.03
CA THR A 11 -1.43 -12.90 -3.61
C THR A 11 -0.78 -11.65 -4.21
N ASP A 12 -0.28 -10.75 -3.36
CA ASP A 12 0.29 -9.51 -3.86
C ASP A 12 1.06 -8.83 -2.75
N ASP A 13 2.13 -8.14 -3.11
CA ASP A 13 2.93 -7.45 -2.11
C ASP A 13 2.20 -6.21 -1.64
N TYR A 14 1.50 -5.56 -2.55
CA TYR A 14 0.75 -4.34 -2.27
C TYR A 14 -0.49 -4.37 -3.13
N GLY A 15 -1.64 -4.57 -2.50
CA GLY A 15 -2.89 -4.61 -3.24
C GLY A 15 -3.91 -3.63 -2.69
N THR A 16 -4.75 -3.09 -3.56
CA THR A 16 -5.80 -2.16 -3.13
C THR A 16 -7.11 -2.71 -3.66
N ILE A 17 -8.00 -3.05 -2.74
CA ILE A 17 -9.30 -3.58 -3.05
C ILE A 17 -10.26 -2.42 -3.09
N PHE A 18 -11.04 -2.32 -4.17
CA PHE A 18 -12.02 -1.25 -4.32
C PHE A 18 -13.41 -1.82 -4.35
N THR A 19 -14.40 -0.95 -4.15
CA THR A 19 -15.80 -1.33 -4.15
C THR A 19 -16.21 -2.22 -5.34
N TYR A 20 -16.71 -3.42 -5.03
CA TYR A 20 -17.19 -4.30 -6.08
C TYR A 20 -18.59 -3.74 -6.34
N LYS A 21 -18.90 -3.47 -7.61
CA LYS A 21 -20.20 -2.89 -7.95
C LYS A 21 -21.24 -3.84 -8.54
N GLY A 22 -20.88 -5.11 -8.66
CA GLY A 22 -21.78 -6.12 -9.20
C GLY A 22 -22.95 -6.45 -8.28
N PRO A 23 -23.85 -7.36 -8.71
CA PRO A 23 -25.04 -7.81 -7.99
C PRO A 23 -24.88 -8.62 -6.70
N LYS A 24 -23.70 -9.20 -6.46
CA LYS A 24 -23.48 -9.97 -5.24
C LYS A 24 -23.44 -9.05 -4.01
N THR A 25 -24.09 -9.47 -2.93
CA THR A 25 -24.16 -8.69 -1.69
C THR A 25 -23.11 -9.04 -0.63
N GLU A 26 -22.27 -10.04 -0.91
CA GLU A 26 -21.24 -10.46 0.03
C GLU A 26 -20.01 -10.87 -0.75
N CYS A 27 -18.85 -10.30 -0.40
CA CYS A 27 -17.59 -10.61 -1.08
C CYS A 27 -16.56 -10.92 -0.02
N VAL A 28 -15.76 -11.96 -0.25
CA VAL A 28 -14.75 -12.35 0.70
C VAL A 28 -13.41 -12.53 -0.01
N TRP A 29 -12.41 -11.76 0.42
CA TRP A 29 -11.08 -11.82 -0.18
C TRP A 29 -10.15 -12.52 0.79
N THR A 30 -9.46 -13.56 0.33
CA THR A 30 -8.50 -14.28 1.16
C THR A 30 -7.14 -13.82 0.67
N LEU A 31 -6.35 -13.27 1.58
CA LEU A 31 -5.05 -12.72 1.23
C LEU A 31 -3.94 -13.69 1.56
N GLN A 32 -3.04 -13.89 0.60
CA GLN A 32 -1.92 -14.80 0.75
C GLN A 32 -0.62 -14.04 0.65
N VAL A 33 0.39 -14.56 1.32
CA VAL A 33 1.70 -13.97 1.34
C VAL A 33 2.66 -15.12 1.65
N ASP A 34 3.93 -14.95 1.30
CA ASP A 34 4.98 -15.93 1.58
C ASP A 34 4.93 -15.99 3.11
N PRO A 35 4.58 -17.15 3.67
CA PRO A 35 4.47 -17.37 5.12
C PRO A 35 5.62 -16.88 6.01
N LYS A 36 6.73 -16.55 5.39
CA LYS A 36 7.89 -16.06 6.12
C LYS A 36 7.56 -14.64 6.61
N TYR A 37 6.60 -14.00 5.95
CA TYR A 37 6.21 -12.64 6.28
C TYR A 37 4.79 -12.55 6.78
N LYS A 38 4.46 -11.41 7.39
CA LYS A 38 3.12 -11.13 7.90
C LYS A 38 2.45 -10.12 6.97
N LEU A 39 1.12 -10.08 7.01
CA LEU A 39 0.32 -9.15 6.21
C LEU A 39 -0.10 -7.97 7.03
N LEU A 40 -0.06 -6.79 6.43
CA LEU A 40 -0.49 -5.56 7.08
C LEU A 40 -1.73 -5.11 6.32
N VAL A 41 -2.87 -5.08 6.99
CA VAL A 41 -4.12 -4.65 6.35
C VAL A 41 -4.49 -3.26 6.90
N SER A 42 -4.77 -2.32 6.00
CA SER A 42 -5.11 -0.97 6.35
C SER A 42 -6.41 -0.55 5.69
N ILE A 43 -7.33 -0.07 6.51
CA ILE A 43 -8.63 0.38 6.05
C ILE A 43 -8.75 1.80 6.57
N PRO A 44 -8.12 2.76 5.87
CA PRO A 44 -8.18 4.16 6.29
C PRO A 44 -9.51 4.79 5.98
N THR A 45 -9.90 5.75 6.82
CA THR A 45 -11.13 6.50 6.64
C THR A 45 -12.31 5.73 6.00
N LEU A 46 -12.83 4.75 6.73
CA LEU A 46 -13.95 3.97 6.25
C LEU A 46 -15.27 4.74 6.52
N ASN A 47 -16.18 4.75 5.56
CA ASN A 47 -17.45 5.44 5.73
C ASN A 47 -18.58 4.73 5.00
N LEU A 48 -19.10 3.68 5.62
CA LEU A 48 -20.18 2.90 5.05
C LEU A 48 -21.48 3.30 5.73
N THR A 49 -22.60 2.79 5.23
CA THR A 49 -23.90 3.06 5.85
C THR A 49 -24.08 2.04 6.96
N CYS A 50 -23.73 2.45 8.16
CA CYS A 50 -23.86 1.60 9.33
C CYS A 50 -25.28 1.06 9.38
N GLY A 51 -25.42 -0.23 9.63
CA GLY A 51 -26.74 -0.81 9.66
C GLY A 51 -27.09 -1.46 8.34
N LYS A 52 -26.58 -0.93 7.24
CA LYS A 52 -26.87 -1.53 5.93
C LYS A 52 -25.66 -2.24 5.32
N GLU A 53 -24.47 -2.02 5.87
CA GLU A 53 -23.27 -2.65 5.33
C GLU A 53 -22.08 -2.61 6.29
N TYR A 54 -21.13 -3.53 6.12
CA TYR A 54 -19.96 -3.60 6.98
C TYR A 54 -18.82 -4.37 6.35
N VAL A 55 -17.62 -4.14 6.90
CA VAL A 55 -16.38 -4.80 6.50
C VAL A 55 -16.00 -5.58 7.76
N GLU A 56 -15.65 -6.83 7.58
CA GLU A 56 -15.29 -7.71 8.68
C GLU A 56 -13.92 -8.32 8.39
N VAL A 57 -13.07 -8.36 9.41
CA VAL A 57 -11.71 -8.92 9.30
C VAL A 57 -11.67 -10.26 10.04
N LEU A 58 -11.26 -11.32 9.35
CA LEU A 58 -11.17 -12.66 9.94
C LEU A 58 -9.72 -13.10 10.10
N GLU A 59 -9.45 -13.84 11.16
CA GLU A 59 -8.11 -14.31 11.44
C GLU A 59 -7.58 -15.26 10.37
N GLY A 60 -8.46 -16.05 9.77
CA GLY A 60 -8.03 -16.98 8.76
C GLY A 60 -9.15 -17.10 7.74
N ALA A 61 -9.33 -18.30 7.21
CA ALA A 61 -10.36 -18.55 6.21
C ALA A 61 -11.75 -18.27 6.79
N PRO A 62 -12.77 -18.13 5.91
CA PRO A 62 -14.12 -17.87 6.40
C PRO A 62 -14.50 -18.91 7.45
N GLY A 63 -15.15 -18.45 8.50
CA GLY A 63 -15.52 -19.37 9.57
C GLY A 63 -14.47 -19.31 10.67
N SER A 64 -13.34 -18.64 10.40
CA SER A 64 -12.32 -18.52 11.42
C SER A 64 -12.74 -17.40 12.38
N LYS A 65 -11.90 -17.17 13.39
CA LYS A 65 -12.18 -16.14 14.38
C LYS A 65 -12.32 -14.74 13.77
N SER A 66 -13.44 -14.10 14.06
CA SER A 66 -13.72 -12.76 13.58
C SER A 66 -13.04 -11.76 14.51
N LEU A 67 -12.21 -10.91 13.93
CA LEU A 67 -11.50 -9.90 14.69
C LEU A 67 -12.31 -8.63 14.93
N GLY A 68 -13.25 -8.33 14.03
CA GLY A 68 -14.08 -7.15 14.17
C GLY A 68 -14.95 -6.89 12.96
N LYS A 69 -16.01 -6.09 13.12
CA LYS A 69 -16.97 -5.70 12.07
C LYS A 69 -17.10 -4.21 12.20
N PHE A 70 -16.98 -3.48 11.10
CA PHE A 70 -17.09 -2.02 11.16
C PHE A 70 -17.75 -1.40 9.94
N CYS A 71 -18.19 -0.16 10.10
CA CYS A 71 -18.80 0.61 9.01
C CYS A 71 -18.16 2.00 8.93
N GLU A 72 -17.54 2.45 10.02
CA GLU A 72 -16.82 3.74 10.08
C GLU A 72 -15.57 3.57 10.97
N GLY A 73 -14.53 4.36 10.72
CA GLY A 73 -13.30 4.27 11.50
C GLY A 73 -12.21 5.03 10.79
N LEU A 74 -11.59 5.99 11.49
CA LEU A 74 -10.54 6.83 10.90
C LEU A 74 -9.37 6.00 10.39
N SER A 75 -8.99 5.01 11.16
CA SER A 75 -7.90 4.16 10.77
C SER A 75 -8.03 2.82 11.48
N ILE A 76 -8.04 1.76 10.69
CA ILE A 76 -8.07 0.42 11.22
C ILE A 76 -6.83 -0.23 10.66
N LEU A 77 -5.95 -0.72 11.52
CA LEU A 77 -4.75 -1.36 11.05
C LEU A 77 -4.67 -2.71 11.68
N ASN A 78 -4.36 -3.71 10.87
CA ASN A 78 -4.23 -5.09 11.35
C ASN A 78 -3.00 -5.74 10.75
N ARG A 79 -2.37 -6.63 11.52
CA ARG A 79 -1.21 -7.39 11.07
C ARG A 79 -1.60 -8.85 11.23
N GLY A 80 -1.68 -9.59 10.14
CA GLY A 80 -2.07 -10.98 10.24
C GLY A 80 -1.17 -11.87 9.42
N SER A 81 -1.52 -13.15 9.32
CA SER A 81 -0.72 -14.12 8.57
C SER A 81 -1.42 -14.50 7.29
N SER A 82 -0.67 -15.12 6.39
CA SER A 82 -1.20 -15.57 5.11
C SER A 82 -2.50 -16.34 5.39
N GLY A 83 -3.50 -16.17 4.53
CA GLY A 83 -4.76 -16.86 4.71
C GLY A 83 -5.83 -16.03 5.37
N MET A 84 -5.44 -14.87 5.86
CA MET A 84 -6.34 -13.92 6.50
C MET A 84 -7.42 -13.48 5.49
N THR A 85 -8.67 -13.31 5.94
CA THR A 85 -9.72 -12.86 5.03
C THR A 85 -10.48 -11.57 5.42
N VAL A 86 -10.79 -10.77 4.41
CA VAL A 86 -11.51 -9.53 4.57
C VAL A 86 -12.84 -9.83 3.93
N LYS A 87 -13.92 -9.44 4.59
CA LYS A 87 -15.24 -9.73 4.08
C LYS A 87 -16.07 -8.47 4.04
N TYR A 88 -16.81 -8.29 2.96
CA TYR A 88 -17.71 -7.16 2.83
C TYR A 88 -19.11 -7.70 2.63
N LYS A 89 -20.07 -7.13 3.36
CA LYS A 89 -21.46 -7.54 3.26
C LYS A 89 -22.40 -6.35 3.29
N ARG A 90 -23.44 -6.40 2.47
CA ARG A 90 -24.43 -5.33 2.43
C ARG A 90 -25.83 -5.95 2.30
N ASP A 91 -26.85 -5.16 2.63
CA ASP A 91 -28.22 -5.65 2.53
C ASP A 91 -28.69 -5.56 1.08
N SER A 92 -29.55 -6.49 0.68
CA SER A 92 -30.10 -6.47 -0.69
C SER A 92 -30.83 -5.15 -0.84
N GLY A 93 -30.64 -4.49 -1.98
CA GLY A 93 -31.34 -3.25 -2.17
C GLY A 93 -30.57 -2.03 -1.71
N HIS A 94 -29.39 -2.25 -1.16
CA HIS A 94 -28.57 -1.14 -0.72
C HIS A 94 -27.34 -1.09 -1.62
N PRO A 95 -27.15 0.03 -2.33
CA PRO A 95 -25.98 0.10 -3.20
C PRO A 95 -24.70 0.19 -2.36
N ALA A 96 -23.69 -0.59 -2.74
CA ALA A 96 -22.43 -0.61 -2.02
C ALA A 96 -21.84 0.79 -1.98
N SER A 97 -21.33 1.18 -0.81
CA SER A 97 -20.69 2.48 -0.64
C SER A 97 -19.22 2.33 -1.03
N PRO A 98 -18.58 3.44 -1.37
CA PRO A 98 -17.16 3.38 -1.75
C PRO A 98 -16.26 3.00 -0.55
N TYR A 99 -15.38 2.03 -0.79
CA TYR A 99 -14.42 1.62 0.21
C TYR A 99 -13.09 1.36 -0.49
N GLU A 100 -12.05 1.17 0.31
CA GLU A 100 -10.70 0.93 -0.18
C GLU A 100 -9.94 0.22 0.94
N ILE A 101 -9.55 -1.02 0.69
CA ILE A 101 -8.83 -1.81 1.66
C ILE A 101 -7.43 -2.07 1.10
N ILE A 102 -6.40 -1.85 1.91
CA ILE A 102 -5.01 -2.04 1.48
C ILE A 102 -4.32 -3.17 2.25
N PHE A 103 -3.70 -4.09 1.53
CA PHE A 103 -2.97 -5.16 2.19
C PHE A 103 -1.54 -5.12 1.62
N LEU A 104 -0.56 -5.30 2.49
CA LEU A 104 0.84 -5.22 2.12
C LEU A 104 1.65 -6.31 2.81
N ARG A 105 2.71 -6.78 2.15
CA ARG A 105 3.59 -7.74 2.76
C ARG A 105 4.43 -6.86 3.69
N ASP A 106 4.40 -7.17 4.97
CA ASP A 106 5.13 -6.39 5.95
C ASP A 106 6.62 -6.76 5.97
N SER A 107 7.46 -5.87 5.44
CA SER A 107 8.90 -6.10 5.39
C SER A 107 9.69 -4.80 5.38
N GLN A 108 10.96 -4.87 5.78
CA GLN A 108 11.84 -3.70 5.79
C GLN A 108 12.94 -3.77 4.74
N GLY A 109 13.05 -4.89 4.05
CA GLY A 109 14.06 -5.04 3.03
C GLY A 109 13.91 -6.35 2.28
N ALA B 1 10.22 -5.43 -10.88
CA ALA B 1 11.01 -6.43 -10.10
C ALA B 1 11.56 -5.74 -8.87
N ARG B 2 12.50 -6.39 -8.19
CA ARG B 2 13.12 -5.81 -7.00
C ARG B 2 14.34 -4.99 -7.40
N ILE B 3 14.25 -3.68 -7.17
CA ILE B 3 15.31 -2.76 -7.48
C ILE B 3 16.15 -2.58 -6.23
N ASN B 4 17.46 -2.53 -6.41
CA ASN B 4 18.35 -2.32 -5.29
C ASN B 4 18.52 -0.80 -5.25
N GLY B 5 17.92 -0.17 -4.26
CA GLY B 5 17.98 1.28 -4.12
C GLY B 5 19.23 2.01 -4.58
N PRO B 6 20.40 1.79 -3.94
CA PRO B 6 21.68 2.43 -4.26
C PRO B 6 22.15 2.36 -5.71
N ASP B 7 21.82 1.26 -6.38
CA ASP B 7 22.22 1.08 -7.77
C ASP B 7 21.45 1.96 -8.73
N GLU B 8 20.23 2.33 -8.33
CA GLU B 8 19.36 3.11 -9.19
C GLU B 8 19.21 4.58 -8.90
N CYS B 9 19.98 5.12 -7.99
CA CYS B 9 19.83 6.53 -7.69
C CYS B 9 19.97 7.38 -8.95
N GLY B 10 19.12 8.40 -9.08
CA GLY B 10 19.16 9.30 -10.22
C GLY B 10 18.61 8.77 -11.53
N ARG B 11 18.06 7.57 -11.52
CA ARG B 11 17.51 6.98 -12.74
C ARG B 11 15.98 6.92 -12.75
N VAL B 12 15.40 6.69 -13.92
CA VAL B 12 13.95 6.58 -14.00
C VAL B 12 13.60 5.09 -14.14
N ILE B 13 12.73 4.61 -13.25
CA ILE B 13 12.29 3.23 -13.26
C ILE B 13 11.03 3.16 -14.12
N LYS B 14 10.99 2.19 -15.04
CA LYS B 14 9.86 2.03 -15.95
C LYS B 14 8.99 0.78 -15.72
N ASP B 15 9.30 0.00 -14.69
CA ASP B 15 8.55 -1.22 -14.39
C ASP B 15 7.10 -0.95 -14.01
N THR B 16 6.20 -1.77 -14.54
CA THR B 16 4.77 -1.62 -14.24
C THR B 16 4.51 -1.87 -12.77
N SER B 17 5.40 -2.63 -12.15
CA SER B 17 5.31 -2.92 -10.73
C SER B 17 6.67 -3.40 -10.23
N GLY B 18 6.87 -3.29 -8.94
CA GLY B 18 8.14 -3.72 -8.38
C GLY B 18 8.28 -3.23 -6.96
N SER B 19 9.50 -3.25 -6.47
CA SER B 19 9.78 -2.80 -5.14
C SER B 19 11.18 -2.23 -5.15
N ILE B 20 11.40 -1.20 -4.34
CA ILE B 20 12.71 -0.57 -4.22
C ILE B 20 13.14 -0.75 -2.78
N SER B 21 14.30 -1.37 -2.59
CA SER B 21 14.81 -1.60 -1.26
C SER B 21 15.87 -0.55 -0.99
N ASN B 22 15.73 0.16 0.12
CA ASN B 22 16.67 1.21 0.46
C ASN B 22 18.02 0.70 0.87
N THR B 23 18.02 -0.37 1.67
CA THR B 23 19.27 -0.95 2.14
C THR B 23 19.87 -0.10 3.28
N ASP B 24 20.78 -0.71 4.04
CA ASP B 24 21.45 -0.02 5.14
C ASP B 24 22.80 0.54 4.66
N ARG B 25 22.94 0.67 3.35
CA ARG B 25 24.17 1.14 2.73
C ARG B 25 23.84 2.12 1.60
N GLN B 26 22.85 2.97 1.86
CA GLN B 26 22.40 3.96 0.89
C GLN B 26 23.29 5.22 0.86
N LYS B 27 23.27 5.92 -0.27
CA LYS B 27 24.03 7.15 -0.42
C LYS B 27 23.38 8.22 0.44
N ASN B 28 24.03 9.37 0.58
CA ASN B 28 23.48 10.45 1.38
C ASN B 28 22.32 11.13 0.66
N LEU B 29 22.28 10.93 -0.65
CA LEU B 29 21.20 11.45 -1.46
C LEU B 29 20.93 10.41 -2.53
N CYS B 30 19.66 10.08 -2.70
CA CYS B 30 19.24 9.11 -3.69
C CYS B 30 17.82 9.48 -4.11
N THR B 31 17.60 9.50 -5.41
CA THR B 31 16.31 9.85 -5.98
C THR B 31 15.91 8.82 -7.01
N TRP B 32 14.63 8.50 -7.07
CA TRP B 32 14.13 7.53 -8.03
C TRP B 32 12.89 8.15 -8.59
N THR B 33 12.76 8.16 -9.90
CA THR B 33 11.56 8.68 -10.54
C THR B 33 10.92 7.50 -11.28
N ILE B 34 9.66 7.25 -10.97
CA ILE B 34 8.92 6.16 -11.55
C ILE B 34 8.10 6.71 -12.69
N LEU B 35 8.24 6.08 -13.85
CA LEU B 35 7.56 6.51 -15.06
C LEU B 35 6.62 5.40 -15.54
N MET B 36 5.33 5.72 -15.67
CA MET B 36 4.32 4.76 -16.13
C MET B 36 3.76 5.19 -17.48
N LYS B 37 3.01 4.31 -18.12
CA LYS B 37 2.39 4.64 -19.40
C LYS B 37 1.53 5.86 -19.13
N PRO B 38 1.43 6.77 -20.10
CA PRO B 38 0.66 8.02 -19.99
C PRO B 38 -0.78 7.91 -19.48
N ASP B 39 -1.37 6.73 -19.61
CA ASP B 39 -2.75 6.51 -19.18
C ASP B 39 -2.85 6.03 -17.72
N GLN B 40 -1.70 5.92 -17.07
CA GLN B 40 -1.68 5.42 -15.72
C GLN B 40 -1.24 6.41 -14.66
N LYS B 41 -1.55 6.04 -13.42
CA LYS B 41 -1.18 6.82 -12.26
C LYS B 41 -0.34 5.85 -11.46
N VAL B 42 0.57 6.36 -10.64
CA VAL B 42 1.42 5.48 -9.85
C VAL B 42 0.90 5.33 -8.42
N ARG B 43 0.84 4.10 -7.93
CA ARG B 43 0.43 3.87 -6.56
C ARG B 43 1.69 3.39 -5.85
N MET B 44 1.96 3.94 -4.68
CA MET B 44 3.15 3.59 -3.93
C MET B 44 2.81 3.38 -2.45
N ALA B 45 3.49 2.45 -1.80
CA ALA B 45 3.25 2.20 -0.38
C ALA B 45 4.53 1.79 0.30
N ILE B 46 4.69 2.18 1.56
CA ILE B 46 5.84 1.80 2.35
C ILE B 46 5.19 1.10 3.54
N PRO B 47 5.38 -0.22 3.66
CA PRO B 47 4.79 -0.96 4.78
C PRO B 47 5.27 -0.53 6.16
N TYR B 48 6.54 -0.17 6.29
CA TYR B 48 7.05 0.23 7.59
C TYR B 48 8.25 1.12 7.48
N LEU B 49 8.13 2.32 8.02
CA LEU B 49 9.23 3.26 7.96
C LEU B 49 9.59 3.72 9.35
N ASN B 50 10.87 3.60 9.66
CA ASN B 50 11.42 4.02 10.94
C ASN B 50 12.85 4.55 10.69
N LEU B 51 12.94 5.78 10.23
CA LEU B 51 14.22 6.41 9.94
C LEU B 51 14.69 7.18 11.17
N ALA B 52 16.00 7.40 11.26
CA ALA B 52 16.57 8.13 12.37
C ALA B 52 16.18 9.56 12.09
N CYS B 53 15.02 9.95 12.58
CA CYS B 53 14.55 11.32 12.37
C CYS B 53 15.59 12.32 12.81
N GLY B 54 15.68 13.43 12.09
CA GLY B 54 16.68 14.42 12.43
C GLY B 54 17.92 14.20 11.59
N LYS B 55 18.16 12.97 11.17
CA LYS B 55 19.30 12.63 10.32
C LYS B 55 18.84 12.25 8.90
N GLU B 56 17.79 11.43 8.81
CA GLU B 56 17.24 10.99 7.53
C GLU B 56 15.79 11.44 7.33
N TYR B 57 15.34 11.33 6.09
CA TYR B 57 13.97 11.62 5.72
C TYR B 57 13.73 11.14 4.29
N VAL B 58 12.47 10.87 3.98
CA VAL B 58 12.09 10.42 2.66
C VAL B 58 11.04 11.44 2.27
N GLU B 59 11.03 11.85 1.01
CA GLU B 59 10.06 12.82 0.53
C GLU B 59 9.50 12.32 -0.80
N VAL B 60 8.21 12.49 -1.01
CA VAL B 60 7.61 12.03 -2.24
C VAL B 60 7.08 13.25 -2.98
N PHE B 61 7.28 13.28 -4.31
CA PHE B 61 6.83 14.38 -5.14
C PHE B 61 5.86 13.84 -6.16
N ASP B 62 4.78 14.58 -6.36
CA ASP B 62 3.75 14.23 -7.31
C ASP B 62 4.26 14.75 -8.65
N GLY B 63 4.95 13.88 -9.38
CA GLY B 63 5.51 14.25 -10.66
C GLY B 63 7.00 14.12 -10.54
N LEU B 64 7.75 15.05 -11.13
CA LEU B 64 9.22 15.03 -11.04
C LEU B 64 9.60 15.76 -9.75
N LEU B 65 10.89 15.96 -9.51
CA LEU B 65 11.37 16.65 -8.31
C LEU B 65 10.87 18.07 -8.17
N SER B 66 10.41 18.65 -9.26
CA SER B 66 9.87 20.00 -9.23
C SER B 66 8.35 19.98 -8.99
N GLY B 67 7.79 18.78 -8.90
CA GLY B 67 6.37 18.62 -8.70
C GLY B 67 6.00 18.83 -7.25
N PRO B 68 4.71 18.96 -6.92
CA PRO B 68 4.28 19.17 -5.54
C PRO B 68 4.74 18.07 -4.63
N SER B 69 5.25 18.46 -3.46
CA SER B 69 5.74 17.53 -2.47
C SER B 69 4.62 17.08 -1.54
N TYR B 70 4.63 15.78 -1.22
CA TYR B 70 3.65 15.19 -0.31
C TYR B 70 4.18 15.38 1.11
N GLY B 71 5.42 15.85 1.23
CA GLY B 71 6.03 16.07 2.52
C GLY B 71 7.14 15.09 2.84
N LYS B 72 8.02 15.52 3.74
CA LYS B 72 9.17 14.73 4.21
C LYS B 72 8.68 13.84 5.35
N LEU B 73 9.12 12.59 5.39
CA LEU B 73 8.68 11.70 6.45
C LEU B 73 9.86 10.97 7.04
N CYS B 74 9.65 10.43 8.23
CA CYS B 74 10.70 9.66 8.84
C CYS B 74 10.17 8.42 9.53
N ALA B 75 8.85 8.33 9.72
CA ALA B 75 8.28 7.14 10.36
C ALA B 75 6.83 6.88 9.95
N GLY B 76 6.41 5.63 10.04
CA GLY B 76 5.04 5.31 9.69
C GLY B 76 4.82 3.87 9.32
N ALA B 77 3.55 3.51 9.12
CA ALA B 77 3.14 2.16 8.73
C ALA B 77 2.02 2.33 7.69
N ALA B 78 2.05 1.50 6.65
CA ALA B 78 1.06 1.54 5.58
C ALA B 78 0.95 2.94 4.96
N ILE B 79 2.10 3.55 4.68
CA ILE B 79 2.12 4.87 4.09
C ILE B 79 1.82 4.66 2.60
N VAL B 80 0.78 5.32 2.10
CA VAL B 80 0.39 5.16 0.70
C VAL B 80 0.32 6.51 -0.01
N PHE B 81 0.60 6.52 -1.31
CA PHE B 81 0.58 7.71 -2.16
C PHE B 81 0.04 7.37 -3.53
N LEU B 82 -0.68 8.33 -4.13
CA LEU B 82 -1.24 8.18 -5.44
C LEU B 82 -0.89 9.47 -6.19
N SER B 83 -0.23 9.36 -7.33
CA SER B 83 0.16 10.53 -8.11
C SER B 83 -1.06 10.98 -8.90
N THR B 84 -1.00 12.18 -9.46
CA THR B 84 -2.11 12.68 -10.25
C THR B 84 -1.88 12.35 -11.73
N ALA B 85 -0.64 12.08 -12.10
CA ALA B 85 -0.29 11.72 -13.48
C ALA B 85 0.51 10.43 -13.49
N ASN B 86 1.17 10.13 -14.60
CA ASN B 86 1.94 8.88 -14.75
C ASN B 86 3.36 8.93 -14.27
N THR B 87 3.68 9.91 -13.43
CA THR B 87 5.03 10.04 -12.93
C THR B 87 5.06 10.34 -11.42
N MET B 88 6.05 9.77 -10.71
CA MET B 88 6.19 9.98 -9.26
C MET B 88 7.66 9.93 -8.85
N THR B 89 8.10 10.86 -8.01
CA THR B 89 9.49 10.84 -7.56
C THR B 89 9.60 10.68 -6.05
N ILE B 90 10.57 9.88 -5.64
CA ILE B 90 10.83 9.59 -4.24
C ILE B 90 12.28 10.00 -3.98
N LYS B 91 12.51 10.73 -2.89
CA LYS B 91 13.84 11.19 -2.58
C LYS B 91 14.31 10.82 -1.17
N TYR B 92 15.42 10.09 -1.07
CA TYR B 92 15.97 9.72 0.22
C TYR B 92 17.15 10.65 0.48
N ASN B 93 17.17 11.29 1.65
CA ASN B 93 18.27 12.20 1.99
C ASN B 93 18.73 12.00 3.42
N ARG B 94 20.05 11.93 3.62
CA ARG B 94 20.61 11.75 4.94
C ARG B 94 21.65 12.80 5.27
N ILE B 95 21.41 13.56 6.33
CA ILE B 95 22.32 14.58 6.79
C ILE B 95 23.36 13.82 7.59
N SER B 96 24.57 13.70 7.05
CA SER B 96 25.66 13.01 7.74
C SER B 96 25.40 11.53 8.07
N GLY B 97 26.44 10.72 7.94
CA GLY B 97 26.30 9.32 8.25
C GLY B 97 26.90 8.42 7.20
N ASN B 98 27.00 7.14 7.54
CA ASN B 98 27.55 6.13 6.65
C ASN B 98 26.50 5.05 6.39
N SER B 99 25.75 4.72 7.44
CA SER B 99 24.71 3.71 7.37
C SER B 99 23.33 4.31 7.03
N SER B 100 22.46 3.46 6.52
CA SER B 100 21.13 3.85 6.12
C SER B 100 20.13 3.00 6.88
N SER B 101 18.92 3.55 7.07
CA SER B 101 17.84 2.81 7.71
C SER B 101 17.16 2.10 6.53
N PRO B 102 17.06 0.78 6.61
CA PRO B 102 16.43 0.05 5.50
C PRO B 102 14.93 0.20 5.48
N PHE B 103 14.37 0.12 4.27
CA PHE B 103 12.94 0.19 4.07
C PHE B 103 12.61 -0.27 2.66
N LEU B 104 11.38 -0.71 2.46
CA LEU B 104 10.91 -1.16 1.16
C LEU B 104 9.85 -0.18 0.67
N ILE B 105 9.78 -0.04 -0.65
CA ILE B 105 8.82 0.82 -1.33
C ILE B 105 8.18 -0.07 -2.39
N TYR B 106 6.87 -0.26 -2.33
CA TYR B 106 6.19 -1.07 -3.33
C TYR B 106 5.55 -0.08 -4.25
N PHE B 107 5.39 -0.45 -5.52
CA PHE B 107 4.74 0.43 -6.49
C PHE B 107 4.11 -0.36 -7.62
N TYR B 108 3.11 0.22 -8.26
CA TYR B 108 2.44 -0.39 -9.40
C TYR B 108 1.60 0.65 -10.12
N GLY B 109 1.28 0.38 -11.38
CA GLY B 109 0.50 1.29 -12.18
C GLY B 109 -0.98 1.07 -11.96
N SER B 110 -1.69 2.16 -11.72
CA SER B 110 -3.11 2.12 -11.49
C SER B 110 -3.79 2.79 -12.68
N SER B 111 -4.39 1.98 -13.54
CA SER B 111 -5.08 2.49 -14.71
C SER B 111 -6.56 2.49 -14.39
N PRO B 112 -7.15 3.68 -14.31
CA PRO B 112 -8.59 3.79 -14.01
C PRO B 112 -9.43 3.42 -15.24
#